data_2VH6
#
_entry.id   2VH6
#
_cell.length_a   55.959
_cell.length_b   72.309
_cell.length_c   78.976
_cell.angle_alpha   90.00
_cell.angle_beta   90.00
_cell.angle_gamma   90.00
#
_symmetry.space_group_name_H-M   'P 21 21 21'
#
loop_
_entity.id
_entity.type
_entity.pdbx_description
1 polymer 'ACTIVATED FACTOR XA HEAVY CHAIN'
2 polymer 'ACTIVATED FACTOR XA LIGHT CHAIN'
3 non-polymer "2-(5-chlorothiophen-2-yl)-N-{(3S)-1-[3-fluoro-2'-(methylsulfonyl)biphenyl-4-yl]-2-oxopyrrolidin-3-yl}ethanesulfonamide"
4 water water
#
loop_
_entity_poly.entity_id
_entity_poly.type
_entity_poly.pdbx_seq_one_letter_code
_entity_poly.pdbx_strand_id
1 'polypeptide(L)'
;IVGGQECKDGECPWQALLINEENEGFCGGTILSEFYILTAAHCLYQAKRFKVRVGDRNTEQEEGGEAVHEVEVVIKHNRF
TKETYDFDIAVLRLKTPITFRMNVAPACLPERDWAESTLMTQKTGIVSGFGRTHEKGRQSTRLKMLEVPYVDRNSCKLSS
SFIITQNMFCAGYDTKQEDACQGDSGGPHVTRFKDTYFVTGIVSWGEGCARKGKYGIYTKVTAFLKWIDRSMKTRGLPKA
KSHAPEVITSSPLK
;
A
2 'polypeptide(L)'
;EEMKKGHLERECMEETCSYEEAREVFEDSDKTNEFWNKYKDGDQCETSPCQNQGKCKDGLGEYTCTCLEGFEGKNCELFT
RKLCSLDNGDCDQFCHEEQNSVVCSCARGYTLADNGKACIPTGPYPCGKQTLER
;
B
#
# COMPACT_ATOMS: atom_id res chain seq x y z
N ILE A 1 -6.62 11.01 5.86
CA ILE A 1 -6.76 11.50 4.45
C ILE A 1 -7.45 12.86 4.43
N VAL A 2 -6.79 13.80 3.75
CA VAL A 2 -7.24 15.17 3.56
C VAL A 2 -7.70 15.21 2.10
N GLY A 3 -8.96 15.53 1.90
CA GLY A 3 -9.47 15.55 0.55
C GLY A 3 -9.87 14.15 0.14
N GLY A 4 -9.82 13.85 -1.14
CA GLY A 4 -10.21 12.56 -1.65
C GLY A 4 -11.64 12.20 -1.34
N GLN A 5 -11.94 10.91 -1.31
CA GLN A 5 -13.27 10.46 -1.00
C GLN A 5 -13.38 9.21 -0.18
N GLU A 6 -14.62 8.84 0.12
CA GLU A 6 -14.90 7.68 0.90
C GLU A 6 -14.55 6.48 0.05
N CYS A 7 -14.00 5.44 0.64
CA CYS A 7 -13.97 4.16 -0.03
C CYS A 7 -15.40 3.69 0.05
N LYS A 8 -15.96 3.45 -1.13
CA LYS A 8 -17.27 2.90 -1.30
C LYS A 8 -17.15 1.39 -1.14
N ASP A 9 -18.29 0.71 -1.08
CA ASP A 9 -18.29 -0.69 -0.72
C ASP A 9 -17.35 -1.50 -1.60
N GLY A 10 -16.40 -2.17 -0.96
CA GLY A 10 -15.44 -3.03 -1.64
C GLY A 10 -14.29 -2.40 -2.39
N GLU A 11 -14.17 -1.08 -2.30
CA GLU A 11 -13.14 -0.36 -3.08
C GLU A 11 -11.74 -0.37 -2.49
N CYS A 12 -11.63 -0.61 -1.18
CA CYS A 12 -10.34 -0.55 -0.47
C CYS A 12 -10.20 -1.77 0.45
N PRO A 13 -10.36 -2.98 -0.10
CA PRO A 13 -10.46 -4.14 0.77
C PRO A 13 -9.13 -4.58 1.41
N TRP A 14 -8.00 -4.07 0.92
CA TRP A 14 -6.64 -4.39 1.51
C TRP A 14 -6.32 -3.51 2.69
N GLN A 15 -7.22 -2.60 3.05
CA GLN A 15 -6.92 -1.74 4.23
C GLN A 15 -6.95 -2.55 5.56
N ALA A 16 -5.94 -2.34 6.41
CA ALA A 16 -5.92 -2.90 7.77
C ALA A 16 -5.78 -1.71 8.70
N LEU A 17 -6.18 -1.87 9.95
CA LEU A 17 -6.06 -0.79 10.93
C LEU A 17 -5.45 -1.35 12.18
N LEU A 18 -4.37 -0.73 12.64
CA LEU A 18 -3.74 -1.16 13.88
C LEU A 18 -4.51 -0.39 14.95
N ILE A 19 -4.99 -1.14 15.94
CA ILE A 19 -5.82 -0.59 17.02
C ILE A 19 -5.14 -0.74 18.38
N ASN A 20 -5.18 0.31 19.19
CA ASN A 20 -4.58 0.22 20.52
C ASN A 20 -5.47 -0.54 21.51
N GLU A 21 -4.97 -0.70 22.73
CA GLU A 21 -5.68 -1.34 23.84
C GLU A 21 -7.00 -0.65 24.18
N GLU A 22 -7.14 0.60 23.73
CA GLU A 22 -8.36 1.39 23.92
C GLU A 22 -9.31 1.23 22.71
N ASN A 23 -8.95 0.34 21.78
CA ASN A 23 -9.77 0.06 20.59
C ASN A 23 -9.76 1.20 19.53
N GLU A 24 -8.77 2.08 19.62
CA GLU A 24 -8.63 3.21 18.71
C GLU A 24 -7.50 3.00 17.71
N GLY A 25 -7.76 3.42 16.47
CA GLY A 25 -6.78 3.26 15.38
C GLY A 25 -5.68 4.26 15.55
N PHE A 26 -4.45 3.82 15.39
CA PHE A 26 -3.32 4.74 15.46
C PHE A 26 -2.46 4.65 14.19
N CYS A 27 -2.73 3.64 13.36
CA CYS A 27 -1.92 3.41 12.15
C CYS A 27 -2.66 2.48 11.21
N GLY A 28 -2.21 2.48 9.96
CA GLY A 28 -2.84 1.66 8.94
C GLY A 28 -1.92 0.51 8.66
N GLY A 29 -2.34 -0.33 7.72
CA GLY A 29 -1.56 -1.48 7.24
C GLY A 29 -2.18 -1.93 5.92
N THR A 30 -1.47 -2.79 5.19
CA THR A 30 -1.99 -3.36 3.96
C THR A 30 -2.03 -4.90 4.12
N ILE A 31 -3.17 -5.48 3.81
CA ILE A 31 -3.29 -6.93 3.84
C ILE A 31 -2.51 -7.51 2.65
N LEU A 32 -1.52 -8.35 2.92
CA LEU A 32 -0.73 -9.02 1.86
C LEU A 32 -1.18 -10.47 1.60
N SER A 33 -1.78 -11.10 2.61
CA SER A 33 -2.20 -12.51 2.51
C SER A 33 -3.06 -12.83 3.74
N GLU A 34 -3.54 -14.06 3.89
CA GLU A 34 -4.45 -14.31 5.02
C GLU A 34 -3.71 -14.18 6.37
N PHE A 35 -2.39 -14.43 6.37
CA PHE A 35 -1.57 -14.29 7.59
C PHE A 35 -0.73 -13.04 7.74
N TYR A 36 -0.54 -12.25 6.67
CA TYR A 36 0.42 -11.12 6.81
C TYR A 36 -0.12 -9.74 6.49
N ILE A 37 0.32 -8.77 7.28
CA ILE A 37 -0.02 -7.38 7.11
C ILE A 37 1.28 -6.63 6.92
N LEU A 38 1.29 -5.68 6.01
CA LEU A 38 2.36 -4.72 5.82
C LEU A 38 2.09 -3.41 6.52
N THR A 39 3.09 -2.91 7.21
CA THR A 39 2.96 -1.63 7.86
C THR A 39 4.25 -0.85 7.91
N ALA A 40 4.24 0.29 8.59
CA ALA A 40 5.44 1.04 8.84
C ALA A 40 6.12 0.67 10.14
N ALA A 41 7.43 0.59 10.09
CA ALA A 41 8.25 0.31 11.27
C ALA A 41 8.00 1.35 12.37
N HIS A 42 7.80 2.60 12.00
CA HIS A 42 7.61 3.65 13.02
C HIS A 42 6.27 3.52 13.78
N CYS A 43 5.38 2.68 13.26
CA CYS A 43 4.10 2.46 13.91
C CYS A 43 4.21 1.54 15.11
N LEU A 44 5.32 0.85 15.25
CA LEU A 44 5.52 -0.10 16.35
C LEU A 44 5.94 0.56 17.68
N TYR A 45 6.16 1.86 17.62
CA TYR A 45 6.55 2.67 18.75
C TYR A 45 5.39 3.56 19.18
N GLN A 46 4.25 3.42 18.52
CA GLN A 46 3.08 4.25 18.82
C GLN A 46 2.04 3.53 19.72
N ALA A 47 2.45 2.41 20.29
CA ALA A 47 1.63 1.60 21.19
C ALA A 47 2.42 0.37 21.63
N LYS A 48 2.07 -0.16 22.79
CA LYS A 48 2.73 -1.34 23.34
C LYS A 48 2.08 -2.56 22.71
N ARG A 49 0.91 -2.94 23.24
CA ARG A 49 0.17 -4.04 22.69
C ARG A 49 -0.85 -3.43 21.72
N PHE A 50 -1.03 -4.08 20.56
CA PHE A 50 -2.02 -3.63 19.56
C PHE A 50 -2.53 -4.84 18.75
N LYS A 51 -3.67 -4.65 18.13
CA LYS A 51 -4.30 -5.67 17.34
C LYS A 51 -4.59 -5.10 15.93
N VAL A 52 -4.97 -5.98 15.01
CA VAL A 52 -5.27 -5.56 13.64
C VAL A 52 -6.73 -5.78 13.27
N ARG A 53 -7.40 -4.71 12.85
CA ARG A 53 -8.77 -4.82 12.39
C ARG A 53 -8.89 -4.68 10.86
N VAL A 54 -9.75 -5.48 10.25
CA VAL A 54 -9.95 -5.50 8.80
C VAL A 54 -11.44 -5.50 8.51
N GLY A 55 -11.79 -5.08 7.29
CA GLY A 55 -13.17 -5.06 6.81
C GLY A 55 -14.05 -3.95 7.32
N ASP A 56 -13.43 -2.99 7.97
CA ASP A 56 -14.15 -1.88 8.58
C ASP A 56 -14.15 -0.71 7.61
N ARG A 57 -15.32 -0.21 7.21
CA ARG A 57 -15.33 1.05 6.43
C ARG A 57 -15.82 2.21 7.27
N ASN A 58 -16.73 1.91 8.20
CA ASN A 58 -17.29 2.88 9.09
C ASN A 58 -17.03 2.38 10.51
N THR A 59 -16.10 3.03 11.22
CA THR A 59 -15.73 2.59 12.58
C THR A 59 -16.85 2.74 13.62
N GLU A 60 -17.78 3.66 13.39
CA GLU A 60 -18.90 3.89 14.32
C GLU A 60 -20.02 2.87 14.22
N GLN A 61 -20.12 2.17 13.09
CA GLN A 61 -21.16 1.17 12.90
C GLN A 61 -20.57 -0.23 12.72
N GLU A 62 -21.36 -1.14 12.13
CA GLU A 62 -20.93 -2.52 11.95
C GLU A 62 -21.29 -3.11 10.58
N GLY A 65 -18.67 -7.70 8.25
CA GLY A 65 -17.35 -7.65 7.58
C GLY A 65 -16.15 -7.59 8.51
N GLU A 66 -16.28 -6.81 9.59
CA GLU A 66 -15.19 -6.55 10.57
C GLU A 66 -14.69 -7.75 11.39
N ALA A 67 -13.37 -7.83 11.55
CA ALA A 67 -12.71 -8.88 12.33
C ALA A 67 -11.39 -8.38 12.91
N VAL A 68 -11.22 -8.57 14.22
CA VAL A 68 -10.01 -8.18 14.91
C VAL A 68 -9.06 -9.39 14.96
N HIS A 69 -7.79 -9.17 14.65
CA HIS A 69 -6.80 -10.24 14.70
C HIS A 69 -5.63 -9.88 15.59
N GLU A 70 -5.21 -10.83 16.41
CA GLU A 70 -4.04 -10.65 17.25
C GLU A 70 -2.79 -10.94 16.42
N VAL A 71 -1.71 -10.24 16.77
CA VAL A 71 -0.45 -10.37 16.09
C VAL A 71 0.37 -11.43 16.81
N GLU A 72 0.89 -12.38 16.05
CA GLU A 72 1.73 -13.45 16.56
C GLU A 72 3.20 -13.06 16.49
N VAL A 73 3.59 -12.44 15.37
CA VAL A 73 4.97 -12.06 15.17
C VAL A 73 5.07 -10.67 14.55
N VAL A 74 5.94 -9.84 15.13
CA VAL A 74 6.23 -8.51 14.60
C VAL A 74 7.64 -8.57 13.98
N ILE A 75 7.73 -8.31 12.67
CA ILE A 75 9.01 -8.35 11.96
C ILE A 75 9.33 -6.92 11.51
N LYS A 76 10.20 -6.25 12.26
CA LYS A 76 10.53 -4.85 12.00
C LYS A 76 11.82 -4.83 11.21
N HIS A 77 11.95 -3.95 10.23
CA HIS A 77 13.21 -3.90 9.48
C HIS A 77 14.30 -3.42 10.46
N ASN A 78 15.38 -4.18 10.54
CA ASN A 78 16.46 -3.93 11.51
C ASN A 78 17.34 -2.69 11.29
N ARG A 79 17.10 -1.99 10.19
CA ARG A 79 17.80 -0.77 9.88
C ARG A 79 16.97 0.48 10.10
N PHE A 80 15.70 0.32 10.47
CA PHE A 80 14.90 1.51 10.75
C PHE A 80 15.42 2.24 12.01
N THR A 81 15.38 3.58 11.97
CA THR A 81 15.69 4.47 13.10
C THR A 81 14.86 5.72 12.91
N LYS A 82 14.41 6.32 14.02
CA LYS A 82 13.60 7.52 14.04
C LYS A 82 14.39 8.76 13.57
N GLU A 83 15.70 8.66 13.63
CA GLU A 83 16.56 9.78 13.26
C GLU A 83 16.52 10.09 11.76
N THR A 84 16.30 9.06 10.95
CA THR A 84 16.31 9.18 9.50
C THR A 84 14.99 8.80 8.83
N TYR A 85 14.25 7.91 9.48
CA TYR A 85 13.05 7.33 8.97
C TYR A 85 13.26 6.44 7.77
N ASP A 86 14.48 6.01 7.57
CA ASP A 86 14.85 5.16 6.49
C ASP A 86 14.45 3.76 6.87
N PHE A 87 14.20 2.92 5.89
CA PHE A 87 13.80 1.54 6.11
C PHE A 87 12.52 1.46 6.94
N ASP A 88 11.57 2.33 6.68
CA ASP A 88 10.37 2.39 7.50
C ASP A 88 9.35 1.33 7.05
N ILE A 89 9.65 0.08 7.40
CA ILE A 89 8.80 -1.03 6.97
C ILE A 89 8.76 -2.12 8.01
N ALA A 90 7.59 -2.76 8.14
CA ALA A 90 7.42 -3.88 9.07
C ALA A 90 6.37 -4.83 8.54
N VAL A 91 6.56 -6.13 8.79
CA VAL A 91 5.56 -7.16 8.44
C VAL A 91 5.00 -7.78 9.76
N LEU A 92 3.68 -7.97 9.82
CA LEU A 92 3.01 -8.61 10.97
C LEU A 92 2.47 -9.97 10.57
N ARG A 93 2.79 -10.99 11.35
CA ARG A 93 2.15 -12.28 11.15
C ARG A 93 1.03 -12.39 12.19
N LEU A 94 -0.15 -12.75 11.72
CA LEU A 94 -1.30 -12.83 12.59
C LEU A 94 -1.43 -14.21 13.23
N LYS A 95 -2.07 -14.27 14.40
CA LYS A 95 -2.31 -15.55 15.08
C LYS A 95 -3.33 -16.41 14.31
N THR A 96 -4.32 -15.77 13.69
CA THR A 96 -5.38 -16.48 12.96
C THR A 96 -5.50 -15.91 11.54
N PRO A 97 -5.87 -16.76 10.56
CA PRO A 97 -5.92 -16.23 9.19
C PRO A 97 -7.11 -15.31 8.97
N ILE A 98 -6.88 -14.23 8.19
CA ILE A 98 -7.92 -13.32 7.81
C ILE A 98 -8.88 -14.08 6.87
N THR A 99 -10.18 -13.89 7.06
CA THR A 99 -11.13 -14.51 6.11
C THR A 99 -11.53 -13.44 5.10
N PHE A 100 -11.21 -13.71 3.83
CA PHE A 100 -11.51 -12.74 2.78
C PHE A 100 -13.00 -12.69 2.53
N ARG A 101 -13.53 -11.50 2.29
CA ARG A 101 -14.93 -11.31 2.10
C ARG A 101 -15.07 -9.91 1.52
N MET A 102 -16.31 -9.42 1.48
CA MET A 102 -16.56 -8.09 0.98
C MET A 102 -15.79 -7.11 1.85
N ASN A 103 -15.00 -6.27 1.20
CA ASN A 103 -14.16 -5.30 1.90
C ASN A 103 -12.95 -5.90 2.60
N VAL A 104 -12.65 -7.18 2.38
CA VAL A 104 -11.46 -7.77 3.04
C VAL A 104 -10.79 -8.67 1.99
N ALA A 105 -9.66 -8.20 1.43
CA ALA A 105 -8.94 -8.94 0.38
C ALA A 105 -7.55 -8.35 0.27
N PRO A 106 -6.58 -9.14 -0.17
CA PRO A 106 -5.23 -8.61 -0.22
C PRO A 106 -4.92 -7.79 -1.44
N ALA A 107 -3.86 -6.98 -1.34
CA ALA A 107 -3.31 -6.21 -2.45
C ALA A 107 -2.21 -7.10 -3.01
N CYS A 108 -1.96 -7.02 -4.33
CA CYS A 108 -0.90 -7.85 -4.93
C CYS A 108 0.46 -7.24 -4.69
N LEU A 109 1.45 -8.11 -4.47
CA LEU A 109 2.84 -7.67 -4.41
C LEU A 109 3.35 -7.77 -5.87
N PRO A 110 3.93 -6.69 -6.40
CA PRO A 110 4.43 -6.80 -7.76
C PRO A 110 5.87 -7.33 -7.79
N GLU A 111 6.35 -7.62 -9.01
CA GLU A 111 7.75 -7.96 -9.21
C GLU A 111 8.45 -6.62 -9.26
N ARG A 112 9.69 -6.55 -8.78
CA ARG A 112 10.41 -5.27 -8.69
C ARG A 112 10.61 -4.51 -9.98
N ASP A 113 11.24 -5.14 -10.98
CA ASP A 113 11.54 -4.40 -12.20
C ASP A 113 10.28 -3.89 -12.87
N TRP A 114 9.30 -4.77 -13.01
CA TRP A 114 8.01 -4.37 -13.61
C TRP A 114 7.36 -3.22 -12.84
N ALA A 115 7.27 -3.33 -11.52
CA ALA A 115 6.68 -2.22 -10.73
C ALA A 115 7.40 -0.88 -10.95
N GLU A 116 8.72 -0.91 -10.98
CA GLU A 116 9.47 0.34 -11.16
C GLU A 116 9.29 0.92 -12.56
N SER A 117 9.28 0.08 -13.59
CA SER A 117 9.14 0.63 -14.94
C SER A 117 7.68 0.91 -15.31
N THR A 118 6.76 0.15 -14.73
CA THR A 118 5.37 0.28 -15.14
C THR A 118 4.37 0.81 -14.14
N LEU A 119 4.56 0.55 -12.86
CA LEU A 119 3.60 1.10 -11.89
C LEU A 119 4.03 2.47 -11.40
N MET A 120 5.32 2.62 -11.12
CA MET A 120 5.80 3.86 -10.54
C MET A 120 5.98 5.00 -11.51
N THR A 121 5.70 4.71 -12.77
CA THR A 121 5.72 5.66 -13.86
C THR A 121 4.31 5.98 -14.32
N GLN A 122 3.30 5.34 -13.71
CA GLN A 122 1.89 5.69 -13.97
C GLN A 122 1.73 7.10 -13.41
N LYS A 123 0.62 7.76 -13.73
CA LYS A 123 0.41 9.14 -13.29
C LYS A 123 0.20 9.27 -11.79
N THR A 124 -0.59 8.34 -11.23
CA THR A 124 -0.96 8.40 -9.81
C THR A 124 -1.00 7.03 -9.12
N GLY A 125 -0.99 7.06 -7.79
CA GLY A 125 -1.25 5.88 -6.94
C GLY A 125 -2.41 6.28 -6.03
N ILE A 126 -2.92 5.34 -5.25
CA ILE A 126 -4.04 5.60 -4.35
C ILE A 126 -3.57 5.29 -2.93
N VAL A 127 -3.80 6.26 -2.04
CA VAL A 127 -3.47 6.15 -0.63
C VAL A 127 -4.82 6.05 0.12
N SER A 128 -4.87 5.32 1.23
CA SER A 128 -6.12 5.18 1.93
C SER A 128 -5.87 5.11 3.43
N GLY A 129 -6.92 5.40 4.21
CA GLY A 129 -6.81 5.32 5.66
C GLY A 129 -7.93 6.05 6.43
N PHE A 130 -7.90 5.82 7.74
CA PHE A 130 -8.84 6.35 8.73
C PHE A 130 -8.23 7.53 9.45
N GLY A 131 -7.14 8.07 8.94
CA GLY A 131 -6.46 9.20 9.60
C GLY A 131 -7.27 10.48 9.57
N ARG A 132 -6.66 11.58 10.00
CA ARG A 132 -7.30 12.90 10.06
C ARG A 132 -7.69 13.44 8.69
N THR A 133 -8.80 14.19 8.66
CA THR A 133 -9.37 14.81 7.43
C THR A 133 -8.83 16.23 7.11
N HIS A 134 -7.97 16.71 8.01
CA HIS A 134 -7.21 17.95 7.89
C HIS A 134 -6.21 17.91 9.04
N GLU A 135 -5.11 18.64 8.88
CA GLU A 135 -3.96 18.60 9.79
C GLU A 135 -4.24 18.59 11.30
N LYS A 136 -5.23 19.36 11.75
CA LYS A 136 -5.51 19.47 13.19
C LYS A 136 -6.89 18.97 13.63
N GLY A 137 -7.55 18.26 12.72
CA GLY A 137 -8.86 17.68 13.00
C GLY A 137 -8.74 16.35 13.72
N ARG A 138 -9.84 15.61 13.75
CA ARG A 138 -9.85 14.32 14.40
C ARG A 138 -9.81 13.22 13.33
N GLN A 139 -9.53 11.98 13.75
CA GLN A 139 -9.53 10.88 12.81
C GLN A 139 -10.89 10.70 12.17
N SER A 140 -10.88 10.13 10.98
CA SER A 140 -12.09 9.89 10.24
C SER A 140 -12.74 8.62 10.75
N THR A 141 -14.06 8.66 10.85
CA THR A 141 -14.80 7.47 11.23
C THR A 141 -15.03 6.62 9.97
N ARG A 142 -14.85 7.23 8.80
CA ARG A 142 -15.04 6.56 7.54
C ARG A 142 -13.70 6.28 6.85
N LEU A 143 -13.54 5.10 6.29
CA LEU A 143 -12.37 4.82 5.49
C LEU A 143 -12.43 5.67 4.22
N LYS A 144 -11.34 6.40 4.00
CA LYS A 144 -11.20 7.24 2.82
C LYS A 144 -9.99 6.84 1.97
N MET A 145 -10.06 7.22 0.68
CA MET A 145 -8.99 7.05 -0.28
C MET A 145 -8.75 8.39 -1.03
N LEU A 146 -7.57 8.51 -1.64
CA LEU A 146 -7.17 9.67 -2.42
C LEU A 146 -6.18 9.28 -3.51
N GLU A 147 -6.42 9.73 -4.75
CA GLU A 147 -5.44 9.59 -5.86
C GLU A 147 -4.35 10.60 -5.63
N VAL A 148 -3.11 10.11 -5.54
CA VAL A 148 -1.95 10.98 -5.32
C VAL A 148 -0.94 10.83 -6.44
N PRO A 149 -0.68 11.94 -7.16
CA PRO A 149 0.25 11.91 -8.28
C PRO A 149 1.62 11.49 -7.82
N TYR A 150 2.32 10.71 -8.62
CA TYR A 150 3.71 10.44 -8.27
C TYR A 150 4.42 11.76 -8.53
N VAL A 151 5.37 12.08 -7.67
CA VAL A 151 6.11 13.32 -7.75
C VAL A 151 7.56 12.98 -8.14
N ASP A 152 8.07 13.71 -9.11
CA ASP A 152 9.46 13.64 -9.58
C ASP A 152 10.41 13.64 -8.38
N ARG A 153 11.38 12.70 -8.32
CA ARG A 153 12.35 12.57 -7.21
C ARG A 153 13.09 13.86 -6.92
N ASN A 154 13.50 14.54 -7.98
CA ASN A 154 14.22 15.80 -7.85
C ASN A 154 13.36 16.88 -7.16
N SER A 155 12.20 17.17 -7.76
CA SER A 155 11.28 18.18 -7.22
C SER A 155 10.97 17.88 -5.78
N CYS A 156 10.85 16.59 -5.48
CA CYS A 156 10.60 16.18 -4.12
C CYS A 156 11.79 16.43 -3.21
N LYS A 157 13.00 16.11 -3.68
CA LYS A 157 14.20 16.35 -2.86
C LYS A 157 14.33 17.84 -2.58
N LEU A 158 14.01 18.67 -3.56
CA LEU A 158 14.05 20.14 -3.42
C LEU A 158 13.00 20.64 -2.44
N SER A 159 11.84 20.00 -2.44
CA SER A 159 10.73 20.34 -1.54
C SER A 159 10.99 19.99 -0.07
N SER A 160 11.88 19.04 0.17
CA SER A 160 12.03 18.48 1.50
C SER A 160 13.10 19.11 2.34
N SER A 161 12.82 19.17 3.64
CA SER A 161 13.72 19.72 4.65
C SER A 161 14.53 18.59 5.27
N PHE A 162 14.22 17.35 4.87
CA PHE A 162 14.90 16.15 5.35
C PHE A 162 15.38 15.32 4.16
N ILE A 163 16.33 14.42 4.40
CA ILE A 163 16.90 13.63 3.31
C ILE A 163 15.95 12.54 2.78
N ILE A 164 15.52 12.64 1.53
CA ILE A 164 14.71 11.59 0.90
C ILE A 164 15.68 10.50 0.44
N THR A 165 15.70 9.37 1.14
CA THR A 165 16.58 8.26 0.77
C THR A 165 16.02 7.49 -0.44
N GLN A 166 16.78 6.51 -0.96
CA GLN A 166 16.29 5.70 -2.08
C GLN A 166 15.24 4.69 -1.64
N ASN A 167 15.03 4.60 -0.33
CA ASN A 167 14.00 3.73 0.21
C ASN A 167 12.70 4.50 0.38
N MET A 168 12.64 5.71 -0.16
CA MET A 168 11.44 6.55 -0.08
C MET A 168 11.11 7.13 -1.43
N PHE A 169 9.84 7.51 -1.61
CA PHE A 169 9.36 8.21 -2.81
C PHE A 169 8.30 9.21 -2.35
N CYS A 170 7.98 10.17 -3.21
CA CYS A 170 7.01 11.23 -2.88
C CYS A 170 5.80 11.13 -3.76
N ALA A 171 4.66 11.48 -3.18
CA ALA A 171 3.40 11.46 -3.89
C ALA A 171 2.53 12.56 -3.31
N GLY A 172 1.64 13.10 -4.13
CA GLY A 172 0.72 14.12 -3.63
C GLY A 172 0.68 15.37 -4.50
N TYR A 173 0.49 16.50 -3.85
CA TYR A 173 0.33 17.78 -4.56
C TYR A 173 1.14 18.87 -3.94
N ASP A 174 1.62 19.77 -4.79
CA ASP A 174 2.38 20.93 -4.33
C ASP A 174 1.49 21.81 -3.44
N THR A 175 0.35 22.24 -3.97
CA THR A 175 -0.53 23.16 -3.25
C THR A 175 -1.94 22.64 -2.96
N LYS A 176 -2.49 21.82 -3.86
CA LYS A 176 -3.82 21.25 -3.65
C LYS A 176 -3.91 20.67 -2.25
N GLN A 177 -5.07 20.86 -1.63
CA GLN A 177 -5.33 20.42 -0.25
C GLN A 177 -5.75 18.95 -0.16
N GLU A 178 -4.91 18.07 -0.69
CA GLU A 178 -5.16 16.63 -0.68
C GLU A 178 -3.85 15.91 -0.32
N ASP A 179 -3.86 15.23 0.82
CA ASP A 179 -2.72 14.48 1.35
C ASP A 179 -3.17 13.40 2.34
N ALA A 180 -2.22 12.56 2.75
CA ALA A 180 -2.43 11.58 3.80
C ALA A 180 -2.16 12.40 5.04
N CYS A 181 -2.44 11.86 6.22
CA CYS A 181 -2.23 12.63 7.43
C CYS A 181 -2.01 11.73 8.63
N GLN A 182 -2.11 12.30 9.84
CA GLN A 182 -1.93 11.55 11.08
C GLN A 182 -2.98 10.41 11.22
N GLY A 183 -2.53 9.20 11.54
CA GLY A 183 -3.43 8.05 11.68
C GLY A 183 -3.47 7.18 10.42
N ASP A 184 -2.96 7.74 9.32
CA ASP A 184 -2.88 7.03 8.03
C ASP A 184 -1.57 6.28 7.87
N SER A 185 -0.55 6.70 8.63
CA SER A 185 0.78 6.09 8.55
C SER A 185 0.71 4.59 8.64
N GLY A 186 1.59 3.90 7.91
CA GLY A 186 1.62 2.44 7.91
C GLY A 186 0.71 1.87 6.86
N GLY A 187 -0.24 2.68 6.40
CA GLY A 187 -1.27 2.23 5.46
C GLY A 187 -0.85 2.02 4.02
N PRO A 188 -1.79 1.67 3.18
CA PRO A 188 -1.57 1.40 1.80
C PRO A 188 -1.35 2.61 0.90
N HIS A 189 -0.34 2.53 0.06
CA HIS A 189 -0.29 3.13 -1.24
C HIS A 189 -0.25 2.04 -2.31
N VAL A 190 -1.26 2.02 -3.16
CA VAL A 190 -1.39 1.03 -4.22
C VAL A 190 -1.45 1.71 -5.59
N THR A 191 -1.11 0.98 -6.64
CA THR A 191 -1.16 1.55 -7.99
C THR A 191 -2.00 0.59 -8.80
N ARG A 192 -2.95 1.14 -9.53
CA ARG A 192 -3.86 0.34 -10.34
C ARG A 192 -3.22 0.09 -11.70
N PHE A 193 -3.33 -1.15 -12.20
CA PHE A 193 -2.90 -1.47 -13.57
C PHE A 193 -3.92 -2.45 -14.12
N LYS A 194 -4.63 -2.04 -15.17
CA LYS A 194 -5.68 -2.88 -15.74
C LYS A 194 -6.61 -3.46 -14.68
N ASP A 195 -7.21 -2.61 -13.88
CA ASP A 195 -8.14 -3.03 -12.80
C ASP A 195 -7.58 -3.99 -11.74
N THR A 196 -6.25 -4.06 -11.59
CA THR A 196 -5.66 -4.84 -10.52
C THR A 196 -4.79 -3.89 -9.71
N TYR A 197 -4.93 -3.94 -8.39
CA TYR A 197 -4.22 -3.02 -7.53
C TYR A 197 -3.02 -3.68 -6.87
N PHE A 198 -1.85 -3.07 -7.02
CA PHE A 198 -0.57 -3.56 -6.48
C PHE A 198 -0.01 -2.64 -5.37
N VAL A 199 0.51 -3.20 -4.27
CA VAL A 199 1.20 -2.42 -3.26
C VAL A 199 2.43 -1.76 -3.81
N THR A 200 2.47 -0.45 -3.72
CA THR A 200 3.56 0.34 -4.19
C THR A 200 4.25 1.12 -3.07
N GLY A 201 3.55 1.35 -1.99
CA GLY A 201 4.15 2.15 -0.94
C GLY A 201 3.47 1.95 0.39
N ILE A 202 4.09 2.50 1.42
CA ILE A 202 3.56 2.47 2.77
C ILE A 202 3.53 3.92 3.24
N VAL A 203 2.38 4.40 3.74
CA VAL A 203 2.33 5.78 4.25
C VAL A 203 3.41 5.89 5.35
N SER A 204 4.35 6.82 5.18
CA SER A 204 5.50 6.93 6.10
C SER A 204 5.57 8.27 6.84
N TRP A 205 5.76 9.37 6.11
CA TRP A 205 5.84 10.68 6.78
C TRP A 205 5.59 11.86 5.85
N GLY A 206 5.35 13.02 6.47
CA GLY A 206 5.17 14.27 5.75
C GLY A 206 5.44 15.40 6.72
N GLU A 207 5.69 16.60 6.19
CA GLU A 207 5.88 17.80 7.02
C GLU A 207 4.49 18.44 7.15
N GLY A 208 3.72 17.93 8.12
CA GLY A 208 2.32 18.33 8.28
C GLY A 208 1.45 17.48 7.37
N CYS A 209 0.34 18.04 6.90
CA CYS A 209 -0.54 17.34 5.98
C CYS A 209 -1.07 18.31 4.95
N ALA A 210 -0.73 18.07 3.69
CA ALA A 210 -1.18 18.89 2.55
C ALA A 210 -0.60 20.32 2.45
N ARG A 211 0.44 20.60 3.22
CA ARG A 211 1.07 21.93 3.19
C ARG A 211 1.62 22.27 1.82
N LYS A 212 1.72 23.57 1.50
CA LYS A 212 2.27 23.86 0.19
C LYS A 212 3.71 23.61 0.30
N GLY A 213 4.19 23.38 -0.90
CA GLY A 213 5.57 23.06 -1.16
C GLY A 213 6.05 21.75 -0.60
N LYS A 214 5.10 20.91 -0.24
CA LYS A 214 5.36 19.72 0.56
C LYS A 214 4.57 18.53 0.09
N TYR A 215 5.14 17.34 0.15
CA TYR A 215 4.50 16.16 -0.39
C TYR A 215 4.42 15.04 0.63
N GLY A 216 3.65 14.01 0.35
CA GLY A 216 3.66 12.85 1.24
C GLY A 216 4.86 11.98 0.91
N ILE A 217 5.51 11.43 1.94
CA ILE A 217 6.66 10.56 1.76
C ILE A 217 6.26 9.14 2.15
N TYR A 218 6.57 8.22 1.24
CA TYR A 218 6.10 6.84 1.29
C TYR A 218 7.28 5.88 1.26
N THR A 219 7.23 4.78 2.01
CA THR A 219 8.31 3.80 1.92
C THR A 219 8.16 3.17 0.52
N LYS A 220 9.27 2.99 -0.20
CA LYS A 220 9.28 2.41 -1.54
C LYS A 220 9.25 0.88 -1.43
N VAL A 221 8.08 0.31 -1.61
CA VAL A 221 7.91 -1.13 -1.47
C VAL A 221 8.82 -1.91 -2.42
N THR A 222 9.07 -1.38 -3.63
CA THR A 222 9.93 -2.10 -4.59
C THR A 222 11.33 -2.37 -4.04
N ALA A 223 11.83 -1.47 -3.18
CA ALA A 223 13.13 -1.64 -2.53
C ALA A 223 13.11 -2.82 -1.55
N PHE A 224 11.91 -3.22 -1.11
CA PHE A 224 11.81 -4.25 -0.08
C PHE A 224 11.14 -5.58 -0.46
N LEU A 225 10.98 -5.85 -1.75
CA LEU A 225 10.25 -7.07 -2.13
C LEU A 225 10.88 -8.36 -1.66
N LYS A 226 12.20 -8.49 -1.79
CA LYS A 226 12.87 -9.68 -1.29
C LYS A 226 12.74 -9.79 0.21
N TRP A 227 12.93 -8.67 0.90
CA TRP A 227 12.79 -8.60 2.36
C TRP A 227 11.38 -9.08 2.76
N ILE A 228 10.36 -8.53 2.10
CA ILE A 228 8.98 -8.95 2.37
C ILE A 228 8.81 -10.44 2.12
N ASP A 229 9.29 -10.91 1.00
CA ASP A 229 9.15 -12.29 0.63
C ASP A 229 9.74 -13.18 1.69
N ARG A 230 10.93 -12.81 2.15
CA ARG A 230 11.60 -13.49 3.23
C ARG A 230 10.83 -13.47 4.53
N SER A 231 10.37 -12.32 4.90
CA SER A 231 9.56 -12.13 6.07
C SER A 231 8.31 -12.98 6.10
N MET A 232 7.74 -13.21 4.94
CA MET A 232 6.51 -13.99 4.85
C MET A 232 6.75 -15.48 4.84
N LYS A 233 8.00 -15.91 4.70
CA LYS A 233 8.23 -17.36 4.71
C LYS A 233 8.47 -17.90 6.12
N THR A 234 8.66 -16.99 7.08
CA THR A 234 8.83 -17.34 8.48
C THR A 234 8.41 -16.16 9.34
N THR B 80 11.03 3.56 -31.40
CA THR B 80 11.60 3.30 -30.04
C THR B 80 10.89 2.18 -29.23
N ARG B 81 9.61 2.39 -28.89
CA ARG B 81 8.83 1.50 -28.01
C ARG B 81 8.61 0.06 -28.51
N LYS B 82 9.34 -0.89 -27.94
CA LYS B 82 9.23 -2.31 -28.32
C LYS B 82 8.90 -3.21 -27.12
N LEU B 83 8.52 -4.45 -27.43
CA LEU B 83 8.23 -5.49 -26.43
C LEU B 83 7.46 -4.99 -25.19
N CYS B 84 8.02 -5.15 -23.99
CA CYS B 84 7.34 -4.72 -22.75
C CYS B 84 7.07 -3.22 -22.67
N SER B 85 7.78 -2.42 -23.45
CA SER B 85 7.52 -0.97 -23.46
C SER B 85 6.40 -0.63 -24.43
N LEU B 86 5.95 -1.60 -25.23
CA LEU B 86 4.81 -1.37 -26.13
C LEU B 86 3.57 -1.95 -25.44
N ASP B 87 2.78 -1.08 -24.83
CA ASP B 87 1.57 -1.51 -24.15
C ASP B 87 1.73 -2.71 -23.19
N ASN B 88 2.80 -2.71 -22.39
CA ASN B 88 3.07 -3.82 -21.43
C ASN B 88 3.17 -5.19 -22.11
N GLY B 89 3.52 -5.19 -23.40
CA GLY B 89 3.76 -6.43 -24.16
C GLY B 89 2.47 -7.22 -24.34
N ASP B 90 1.35 -6.54 -24.15
CA ASP B 90 0.00 -7.15 -24.18
C ASP B 90 -0.28 -8.03 -22.95
N CYS B 91 0.56 -7.94 -21.92
CA CYS B 91 0.36 -8.78 -20.72
C CYS B 91 -0.67 -8.16 -19.79
N ASP B 92 -1.41 -8.97 -19.03
CA ASP B 92 -2.35 -8.40 -18.06
C ASP B 92 -1.60 -7.79 -16.86
N GLN B 93 -0.50 -8.42 -16.48
CA GLN B 93 0.24 -8.05 -15.29
C GLN B 93 1.74 -7.95 -15.63
N PHE B 94 2.59 -8.80 -15.04
CA PHE B 94 4.04 -8.68 -15.21
C PHE B 94 4.52 -8.99 -16.64
N CYS B 95 5.43 -8.15 -17.13
CA CYS B 95 6.03 -8.31 -18.44
C CYS B 95 7.52 -8.26 -18.21
N HIS B 96 8.21 -9.28 -18.73
CA HIS B 96 9.67 -9.41 -18.66
C HIS B 96 10.12 -9.82 -20.08
N GLU B 97 11.16 -9.19 -20.59
CA GLU B 97 11.72 -9.55 -21.90
C GLU B 97 12.77 -10.64 -21.74
N GLU B 98 12.52 -11.83 -22.31
CA GLU B 98 13.46 -12.96 -22.29
C GLU B 98 13.82 -13.35 -23.72
N GLN B 99 15.12 -13.37 -23.99
CA GLN B 99 15.64 -13.70 -25.32
C GLN B 99 14.95 -12.88 -26.42
N ASN B 100 14.82 -11.58 -26.14
CA ASN B 100 14.23 -10.60 -27.08
C ASN B 100 12.75 -10.81 -27.48
N SER B 101 12.00 -11.42 -26.55
CA SER B 101 10.61 -11.70 -26.73
C SER B 101 9.89 -11.41 -25.41
N VAL B 102 8.63 -11.02 -25.51
CA VAL B 102 7.82 -10.70 -24.34
C VAL B 102 7.45 -11.97 -23.61
N VAL B 103 7.64 -11.99 -22.28
CA VAL B 103 7.20 -13.10 -21.46
C VAL B 103 6.34 -12.46 -20.38
N CYS B 104 5.07 -12.90 -20.32
CA CYS B 104 4.10 -12.39 -19.32
C CYS B 104 4.02 -13.32 -18.12
N SER B 105 3.70 -12.81 -16.94
CA SER B 105 3.51 -13.65 -15.75
C SER B 105 2.53 -12.94 -14.83
N CYS B 106 2.11 -13.59 -13.75
CA CYS B 106 1.00 -13.08 -12.91
C CYS B 106 1.31 -13.14 -11.41
N ALA B 107 0.64 -12.32 -10.61
CA ALA B 107 0.85 -12.33 -9.16
C ALA B 107 0.39 -13.65 -8.60
N ARG B 108 0.84 -13.97 -7.38
CA ARG B 108 0.46 -15.22 -6.72
C ARG B 108 -1.05 -15.25 -6.65
N GLY B 109 -1.61 -16.41 -6.91
CA GLY B 109 -3.05 -16.58 -6.86
C GLY B 109 -3.73 -16.41 -8.22
N TYR B 110 -2.94 -16.18 -9.26
CA TYR B 110 -3.45 -16.10 -10.62
C TYR B 110 -2.68 -17.10 -11.45
N THR B 111 -3.31 -17.60 -12.51
CA THR B 111 -2.60 -18.45 -13.44
C THR B 111 -2.63 -17.79 -14.79
N LEU B 112 -1.52 -17.90 -15.52
CA LEU B 112 -1.41 -17.36 -16.87
C LEU B 112 -2.28 -18.16 -17.84
N ALA B 113 -3.17 -17.47 -18.57
CA ALA B 113 -4.07 -18.13 -19.53
C ALA B 113 -3.28 -18.81 -20.64
N ASP B 114 -3.97 -19.62 -21.45
CA ASP B 114 -3.34 -20.36 -22.56
C ASP B 114 -2.75 -19.42 -23.61
N ASN B 115 -3.28 -18.20 -23.70
CA ASN B 115 -2.74 -17.22 -24.63
C ASN B 115 -1.40 -16.67 -24.16
N GLY B 116 -1.02 -17.05 -22.94
CA GLY B 116 0.27 -16.60 -22.38
C GLY B 116 0.32 -15.11 -22.04
N LYS B 117 -0.84 -14.49 -21.85
CA LYS B 117 -0.92 -13.05 -21.57
C LYS B 117 -1.86 -12.70 -20.43
N ALA B 118 -3.06 -13.27 -20.47
CA ALA B 118 -4.10 -13.00 -19.47
C ALA B 118 -3.81 -13.74 -18.15
N CYS B 119 -4.20 -13.11 -17.04
CA CYS B 119 -4.06 -13.67 -15.71
C CYS B 119 -5.45 -14.05 -15.20
N ILE B 120 -5.61 -15.30 -14.82
CA ILE B 120 -6.86 -15.83 -14.31
C ILE B 120 -6.80 -16.20 -12.83
N PRO B 121 -7.71 -15.67 -12.04
CA PRO B 121 -7.70 -15.95 -10.61
C PRO B 121 -8.00 -17.42 -10.31
N THR B 122 -7.19 -18.05 -9.48
CA THR B 122 -7.36 -19.44 -9.13
C THR B 122 -8.44 -19.74 -8.14
N GLY B 123 -8.91 -18.73 -7.47
CA GLY B 123 -9.91 -18.95 -6.48
C GLY B 123 -10.49 -17.62 -6.12
N PRO B 124 -11.35 -17.59 -5.14
CA PRO B 124 -12.00 -16.35 -4.83
C PRO B 124 -11.06 -15.38 -4.08
N TYR B 125 -11.49 -14.14 -4.03
CA TYR B 125 -10.74 -13.07 -3.46
C TYR B 125 -9.29 -12.98 -3.93
N PRO B 126 -9.06 -12.96 -5.25
CA PRO B 126 -7.69 -12.82 -5.71
C PRO B 126 -7.08 -11.48 -5.29
N CYS B 127 -5.77 -11.40 -5.13
CA CYS B 127 -5.20 -10.15 -4.71
C CYS B 127 -5.47 -9.05 -5.77
N GLY B 128 -5.54 -7.82 -5.31
CA GLY B 128 -5.60 -6.65 -6.18
C GLY B 128 -6.95 -6.34 -6.78
N LYS B 129 -7.98 -7.12 -6.44
CA LYS B 129 -9.31 -6.84 -6.97
C LYS B 129 -10.25 -6.28 -5.92
N GLN B 130 -10.94 -5.20 -6.24
CA GLN B 130 -12.00 -4.69 -5.38
C GLN B 130 -13.02 -5.81 -5.29
N THR B 131 -13.67 -5.92 -4.13
CA THR B 131 -14.61 -7.00 -3.92
C THR B 131 -16.02 -6.57 -4.36
N LEU B 132 -16.72 -7.51 -4.96
CA LEU B 132 -18.07 -7.25 -5.47
C LEU B 132 -19.09 -8.07 -4.68
N GLU B 133 -18.59 -9.08 -3.98
CA GLU B 133 -19.38 -9.97 -3.13
C GLU B 133 -18.54 -10.46 -1.93
#